data_9KEH
#
_entry.id   9KEH
#
_cell.length_a   68.831
_cell.length_b   65.883
_cell.length_c   41.3
_cell.angle_alpha   90
_cell.angle_beta   101.044
_cell.angle_gamma   90
#
_symmetry.space_group_name_H-M   'P 1 21 1'
#
loop_
_entity.id
_entity.type
_entity.pdbx_description
1 polymer 'Lactoylglutathione lyase'
2 non-polymer 'ZINC ION'
3 non-polymer 1-(4-hydroxyphenyl)-3-[2-methoxy-3,4-bis(oxidanyl)phenyl]prop-2-en-1-one
4 non-polymer 'TETRAETHYLENE GLYCOL'
5 non-polymer GLUTATHIONE
6 water water
#
_entity_poly.entity_id   1
_entity_poly.type   'polypeptide(L)'
_entity_poly.pdbx_seq_one_letter_code
;MAEPQPPSGGLTDEAALSCCSDADPSTKDFLLQQTMLRVKDPKKSLDFYTRVLGMTLIQKCDFPIMKFSLYFLAYEDKND
IPKEKDEKIAWALSRKATLELTHNWGTEDDETQSYHNGNSDPRGFGHIGIAVPDVYSACKRFEELGVKFVKKPDDGKMKG
LAFIQDPDGYWIEILNPNKMATLMLEHHHHHH
;
_entity_poly.pdbx_strand_id   A,B
#
# COMPACT_ATOMS: atom_id res chain seq x y z
N GLY A 9 1.13 -8.03 26.24
CA GLY A 9 1.70 -6.68 26.45
C GLY A 9 2.42 -6.17 25.19
N GLY A 10 2.56 -6.95 24.14
CA GLY A 10 3.27 -6.34 23.02
C GLY A 10 4.78 -6.30 23.26
N LEU A 11 5.53 -6.16 22.18
CA LEU A 11 6.98 -6.26 22.21
C LEU A 11 7.62 -5.01 22.76
N THR A 12 8.72 -5.23 23.49
CA THR A 12 9.60 -4.16 23.83
C THR A 12 10.31 -3.69 22.57
N ASP A 13 10.85 -2.48 22.60
CA ASP A 13 11.69 -2.04 21.49
C ASP A 13 12.81 -3.04 21.24
N GLU A 14 13.53 -3.43 22.32
CA GLU A 14 14.70 -4.31 22.17
C GLU A 14 14.25 -5.63 21.53
N ALA A 15 13.06 -6.15 21.94
CA ALA A 15 12.61 -7.42 21.46
C ALA A 15 12.28 -7.31 19.96
N ALA A 16 11.68 -6.17 19.58
CA ALA A 16 11.35 -5.98 18.17
C ALA A 16 12.62 -5.93 17.32
N LEU A 17 13.55 -5.09 17.72
CA LEU A 17 14.78 -4.91 16.97
C LEU A 17 15.55 -6.23 16.84
N SER A 18 15.43 -7.12 17.83
CA SER A 18 16.12 -8.42 17.78
C SER A 18 15.53 -9.38 16.77
N CYS A 19 14.28 -9.05 16.35
CA CYS A 19 13.62 -9.81 15.30
C CYS A 19 13.98 -9.32 13.90
N CYS A 20 14.74 -8.22 13.79
CA CYS A 20 15.09 -7.60 12.53
C CYS A 20 16.48 -8.01 12.05
N SER A 21 16.58 -8.30 10.76
CA SER A 21 17.85 -8.61 10.15
C SER A 21 18.25 -7.50 9.25
N ASP A 22 19.56 -7.37 9.01
CA ASP A 22 20.06 -6.45 8.02
C ASP A 22 19.65 -6.94 6.64
N ALA A 23 19.62 -5.97 5.72
CA ALA A 23 19.20 -6.23 4.34
C ALA A 23 20.23 -7.09 3.62
N ASP A 24 19.85 -8.28 3.15
CA ASP A 24 20.71 -9.12 2.33
C ASP A 24 21.01 -8.38 1.03
N PRO A 25 22.24 -8.45 0.50
CA PRO A 25 22.54 -7.66 -0.70
C PRO A 25 21.74 -8.10 -1.94
N SER A 26 21.13 -9.27 -1.93
CA SER A 26 20.24 -9.71 -3.01
C SER A 26 19.00 -8.81 -3.09
N THR A 27 18.71 -8.05 -2.01
CA THR A 27 17.52 -7.21 -1.95
C THR A 27 17.85 -5.72 -2.10
N LYS A 28 19.09 -5.35 -2.46
CA LYS A 28 19.50 -3.97 -2.29
C LYS A 28 18.81 -2.99 -3.23
N ASP A 29 18.25 -3.46 -4.34
CA ASP A 29 17.53 -2.55 -5.23
C ASP A 29 16.03 -2.84 -5.21
N PHE A 30 15.51 -3.58 -4.24
CA PHE A 30 14.07 -3.77 -4.16
C PHE A 30 13.39 -2.47 -3.77
N LEU A 31 12.14 -2.32 -4.23
CA LEU A 31 11.38 -1.16 -3.81
C LEU A 31 9.91 -1.55 -3.65
N LEU A 32 9.24 -0.81 -2.76
CA LEU A 32 7.84 -1.06 -2.46
C LEU A 32 7.06 -0.27 -3.51
N GLN A 33 6.60 -0.97 -4.54
CA GLN A 33 6.17 -0.38 -5.78
C GLN A 33 4.65 -0.09 -5.82
N GLN A 34 3.84 -0.93 -5.17
CA GLN A 34 2.43 -0.81 -5.37
C GLN A 34 1.65 -1.39 -4.19
N THR A 35 0.43 -0.83 -4.01
CA THR A 35 -0.62 -1.36 -3.17
C THR A 35 -1.84 -1.55 -4.08
N MET A 36 -2.38 -2.74 -4.09
CA MET A 36 -3.48 -3.10 -5.03
C MET A 36 -4.82 -3.23 -4.32
N LEU A 37 -5.78 -2.42 -4.79
CA LEU A 37 -7.16 -2.43 -4.30
C LEU A 37 -8.08 -2.73 -5.48
N ARG A 38 -9.11 -3.53 -5.21
CA ARG A 38 -10.14 -3.81 -6.22
C ARG A 38 -11.19 -2.71 -6.18
N VAL A 39 -11.61 -2.25 -7.37
CA VAL A 39 -12.55 -1.13 -7.44
C VAL A 39 -13.79 -1.56 -8.24
N LYS A 40 -14.94 -1.21 -7.72
CA LYS A 40 -16.20 -1.52 -8.39
C LYS A 40 -16.40 -0.78 -9.71
N ASP A 41 -16.04 0.50 -9.72
CA ASP A 41 -16.37 1.41 -10.81
C ASP A 41 -15.20 2.36 -11.07
N PRO A 42 -14.32 2.08 -12.04
CA PRO A 42 -13.12 2.90 -12.20
C PRO A 42 -13.40 4.37 -12.51
N LYS A 43 -14.58 4.67 -13.08
CA LYS A 43 -14.99 6.05 -13.35
C LYS A 43 -14.99 6.90 -12.06
N LYS A 44 -15.64 6.39 -11.01
CA LYS A 44 -15.68 7.11 -9.77
C LYS A 44 -14.30 7.11 -9.10
N SER A 45 -13.59 5.96 -9.18
CA SER A 45 -12.30 5.86 -8.52
C SER A 45 -11.26 6.80 -9.15
N LEU A 46 -11.22 6.87 -10.47
CA LEU A 46 -10.28 7.76 -11.16
C LEU A 46 -10.58 9.19 -10.80
N ASP A 47 -11.87 9.58 -10.81
CA ASP A 47 -12.28 10.92 -10.44
C ASP A 47 -11.82 11.26 -9.01
N PHE A 48 -12.05 10.35 -8.03
CA PHE A 48 -11.65 10.57 -6.65
C PHE A 48 -10.15 10.77 -6.53
N TYR A 49 -9.38 9.82 -7.01
CA TYR A 49 -7.94 9.82 -6.71
C TYR A 49 -7.21 10.95 -7.47
N THR A 50 -7.72 11.39 -8.63
CA THR A 50 -7.10 12.46 -9.38
C THR A 50 -7.64 13.83 -8.92
N ARG A 51 -8.96 14.06 -8.98
CA ARG A 51 -9.59 15.34 -8.64
C ARG A 51 -9.54 15.67 -7.15
N VAL A 52 -9.91 14.72 -6.30
CA VAL A 52 -9.94 14.94 -4.87
C VAL A 52 -8.49 14.87 -4.33
N LEU A 53 -7.77 13.75 -4.58
CA LEU A 53 -6.50 13.53 -3.93
C LEU A 53 -5.28 13.97 -4.72
N GLY A 54 -5.40 14.42 -5.98
CA GLY A 54 -4.26 15.02 -6.68
C GLY A 54 -3.26 13.99 -7.21
N MET A 55 -3.64 12.73 -7.31
CA MET A 55 -2.81 11.70 -7.94
C MET A 55 -2.86 11.81 -9.44
N THR A 56 -1.89 11.19 -10.13
CA THR A 56 -1.85 11.09 -11.59
C THR A 56 -1.96 9.65 -12.06
N LEU A 57 -2.82 9.44 -13.06
CA LEU A 57 -2.85 8.20 -13.75
C LEU A 57 -1.58 8.07 -14.59
N ILE A 58 -0.76 7.05 -14.27
CA ILE A 58 0.49 6.94 -14.99
C ILE A 58 0.52 5.78 -15.96
N GLN A 59 -0.38 4.78 -15.81
CA GLN A 59 -0.38 3.61 -16.66
C GLN A 59 -1.72 2.91 -16.55
N LYS A 60 -2.19 2.30 -17.64
CA LYS A 60 -3.42 1.53 -17.65
C LYS A 60 -3.19 0.31 -18.54
N CYS A 61 -3.55 -0.91 -18.06
CA CYS A 61 -3.31 -2.17 -18.77
C CYS A 61 -4.65 -2.88 -18.87
N ASP A 62 -5.05 -3.38 -20.05
CA ASP A 62 -6.29 -4.14 -20.14
C ASP A 62 -6.04 -5.56 -20.61
N PHE A 63 -6.85 -6.50 -20.10
CA PHE A 63 -6.70 -7.91 -20.32
C PHE A 63 -8.06 -8.40 -20.81
N PRO A 64 -8.26 -8.38 -22.13
CA PRO A 64 -9.58 -8.62 -22.69
C PRO A 64 -10.08 -10.06 -22.60
N ILE A 65 -9.21 -11.07 -22.52
CA ILE A 65 -9.70 -12.43 -22.30
C ILE A 65 -10.02 -12.66 -20.82
N MET A 66 -9.23 -12.11 -19.90
CA MET A 66 -9.50 -12.26 -18.49
C MET A 66 -10.52 -11.20 -18.02
N LYS A 67 -10.90 -10.23 -18.83
CA LYS A 67 -11.91 -9.25 -18.49
C LYS A 67 -11.61 -8.45 -17.22
N PHE A 68 -10.42 -7.83 -17.19
CA PHE A 68 -10.11 -6.91 -16.12
C PHE A 68 -9.12 -5.85 -16.66
N SER A 69 -9.07 -4.71 -15.96
CA SER A 69 -8.11 -3.67 -16.26
C SER A 69 -7.36 -3.31 -14.98
N LEU A 70 -6.17 -2.74 -15.18
CA LEU A 70 -5.34 -2.27 -14.07
C LEU A 70 -5.08 -0.80 -14.29
N TYR A 71 -5.22 0.01 -13.22
CA TYR A 71 -4.94 1.45 -13.29
C TYR A 71 -3.86 1.80 -12.27
N PHE A 72 -2.76 2.38 -12.70
CA PHE A 72 -1.71 2.78 -11.76
C PHE A 72 -1.73 4.28 -11.54
N LEU A 73 -1.91 4.66 -10.27
CA LEU A 73 -2.01 6.03 -9.77
C LEU A 73 -0.80 6.33 -8.92
N ALA A 74 -0.24 7.52 -9.10
CA ALA A 74 0.90 7.96 -8.25
C ALA A 74 0.98 9.47 -8.19
N TYR A 75 1.75 9.98 -7.16
CA TYR A 75 2.10 11.36 -7.02
C TYR A 75 3.34 11.54 -7.87
N GLU A 76 3.11 11.78 -9.14
CA GLU A 76 4.15 12.01 -10.13
C GLU A 76 3.72 13.19 -11.01
N ASP A 77 4.69 13.90 -11.59
CA ASP A 77 4.37 14.93 -12.59
C ASP A 77 4.05 14.27 -13.93
N LYS A 78 2.89 14.57 -14.51
CA LYS A 78 2.50 13.98 -15.76
C LYS A 78 3.53 14.28 -16.86
N ASN A 79 4.34 15.30 -16.72
CA ASN A 79 5.35 15.59 -17.72
C ASN A 79 6.49 14.61 -17.68
N ASP A 80 6.64 13.83 -16.59
CA ASP A 80 7.66 12.81 -16.44
C ASP A 80 7.29 11.48 -17.09
N ILE A 81 6.03 11.30 -17.49
CA ILE A 81 5.58 10.02 -17.97
C ILE A 81 6.19 9.88 -19.35
N PRO A 82 6.94 8.79 -19.62
CA PRO A 82 7.54 8.62 -20.95
C PRO A 82 6.44 8.54 -22.02
N LYS A 83 6.79 9.04 -23.22
CA LYS A 83 5.86 8.99 -24.33
C LYS A 83 5.80 7.59 -24.97
N GLU A 84 6.94 6.92 -25.05
CA GLU A 84 6.98 5.66 -25.76
C GLU A 84 6.34 4.63 -24.85
N LYS A 85 5.43 3.83 -25.42
CA LYS A 85 4.62 2.88 -24.73
C LYS A 85 5.43 1.95 -23.81
N ASP A 86 6.52 1.31 -24.30
CA ASP A 86 7.18 0.29 -23.52
C ASP A 86 8.03 0.86 -22.39
N GLU A 87 8.68 1.98 -22.66
CA GLU A 87 9.38 2.80 -21.69
C GLU A 87 8.41 3.32 -20.61
N LYS A 88 7.19 3.70 -21.00
CA LYS A 88 6.24 4.15 -20.01
C LYS A 88 5.88 3.05 -19.00
N ILE A 89 5.69 1.78 -19.45
CA ILE A 89 5.36 0.63 -18.58
C ILE A 89 6.51 0.43 -17.61
N ALA A 90 7.75 0.35 -18.13
CA ALA A 90 8.93 0.19 -17.29
C ALA A 90 9.10 1.32 -16.28
N TRP A 91 8.81 2.59 -16.65
CA TRP A 91 8.90 3.70 -15.73
C TRP A 91 7.80 3.61 -14.67
N ALA A 92 6.58 3.37 -15.15
CA ALA A 92 5.46 3.33 -14.21
C ALA A 92 5.63 2.24 -13.17
N LEU A 93 6.10 1.07 -13.58
CA LEU A 93 6.23 -0.07 -12.69
C LEU A 93 7.53 -0.03 -11.90
N SER A 94 8.36 1.00 -12.04
CA SER A 94 9.53 1.22 -11.19
C SER A 94 9.38 2.46 -10.37
N ARG A 95 8.17 3.07 -10.35
CA ARG A 95 7.91 4.15 -9.40
C ARG A 95 7.58 3.53 -8.02
N LYS A 96 8.12 4.15 -6.96
CA LYS A 96 7.71 3.83 -5.60
C LYS A 96 6.31 4.32 -5.35
N ALA A 97 5.59 3.64 -4.42
CA ALA A 97 4.39 4.22 -3.82
C ALA A 97 3.30 4.52 -4.85
N THR A 98 3.02 3.54 -5.69
CA THR A 98 1.87 3.57 -6.59
C THR A 98 0.69 2.85 -5.96
N LEU A 99 -0.49 3.23 -6.45
CA LEU A 99 -1.74 2.60 -6.07
C LEU A 99 -2.29 1.94 -7.32
N GLU A 100 -2.43 0.60 -7.28
CA GLU A 100 -2.92 -0.17 -8.41
C GLU A 100 -4.36 -0.47 -8.14
N LEU A 101 -5.26 0.04 -9.00
CA LEU A 101 -6.65 -0.32 -8.89
C LEU A 101 -6.98 -1.37 -9.94
N THR A 102 -7.68 -2.42 -9.50
CA THR A 102 -8.03 -3.54 -10.38
C THR A 102 -9.53 -3.48 -10.60
N HIS A 103 -9.99 -3.42 -11.86
CA HIS A 103 -11.41 -3.40 -12.17
C HIS A 103 -11.77 -4.68 -12.94
N ASN A 104 -12.54 -5.55 -12.28
CA ASN A 104 -13.13 -6.71 -12.94
C ASN A 104 -14.31 -6.20 -13.74
N TRP A 105 -14.28 -6.39 -15.06
CA TRP A 105 -15.31 -5.75 -15.88
C TRP A 105 -16.71 -6.24 -15.51
N GLY A 106 -17.69 -5.34 -15.42
CA GLY A 106 -19.04 -5.72 -15.08
C GLY A 106 -19.48 -5.38 -13.67
N THR A 107 -18.53 -5.23 -12.69
CA THR A 107 -18.95 -5.04 -11.31
C THR A 107 -19.78 -3.78 -11.17
N GLU A 108 -19.60 -2.77 -12.02
CA GLU A 108 -20.17 -1.45 -11.85
C GLU A 108 -21.68 -1.56 -12.06
N ASP A 109 -22.10 -2.58 -12.79
CA ASP A 109 -23.53 -2.80 -13.07
C ASP A 109 -24.09 -4.00 -12.31
N ASP A 110 -23.49 -4.37 -11.19
CA ASP A 110 -24.05 -5.44 -10.36
C ASP A 110 -24.39 -4.91 -8.98
N GLU A 111 -25.71 -4.73 -8.71
CA GLU A 111 -26.10 -4.09 -7.49
C GLU A 111 -25.94 -5.09 -6.33
N THR A 112 -25.55 -6.31 -6.57
CA THR A 112 -25.40 -7.22 -5.44
C THR A 112 -23.93 -7.35 -5.07
N GLN A 113 -23.06 -6.66 -5.82
CA GLN A 113 -21.61 -6.76 -5.60
C GLN A 113 -21.05 -5.49 -4.89
N SER A 114 -20.15 -5.71 -3.92
CA SER A 114 -19.31 -4.65 -3.36
C SER A 114 -18.06 -5.27 -2.74
N TYR A 115 -16.96 -4.46 -2.69
CA TYR A 115 -15.75 -4.86 -2.00
C TYR A 115 -15.73 -4.50 -0.53
N HIS A 116 -14.92 -5.27 0.21
CA HIS A 116 -14.81 -5.09 1.65
C HIS A 116 -13.52 -4.34 2.01
N ASN A 117 -13.60 -3.39 2.95
CA ASN A 117 -12.52 -2.43 3.23
C ASN A 117 -11.54 -2.98 4.23
N GLY A 118 -11.81 -4.16 4.83
CA GLY A 118 -10.84 -4.78 5.75
C GLY A 118 -11.00 -4.34 7.21
N ASN A 119 -11.95 -3.45 7.55
CA ASN A 119 -11.98 -2.88 8.88
C ASN A 119 -13.15 -3.42 9.72
N SER A 120 -13.88 -4.30 9.11
CA SER A 120 -14.96 -4.99 9.82
C SER A 120 -14.69 -6.48 9.64
N ASP A 121 -15.26 -7.28 10.53
CA ASP A 121 -14.93 -8.68 10.57
C ASP A 121 -15.25 -9.31 9.21
N PRO A 122 -14.37 -10.07 8.54
CA PRO A 122 -13.02 -10.45 9.01
C PRO A 122 -12.00 -9.38 8.63
N ARG A 123 -11.21 -8.94 9.63
CA ARG A 123 -10.37 -7.78 9.38
C ARG A 123 -9.08 -8.23 8.76
N GLY A 124 -8.38 -7.29 8.11
CA GLY A 124 -7.03 -7.53 7.67
C GLY A 124 -6.35 -6.23 7.26
N PHE A 125 -6.39 -5.94 5.95
CA PHE A 125 -6.00 -4.60 5.50
C PHE A 125 -6.71 -3.52 6.31
N GLY A 126 -6.01 -2.41 6.58
CA GLY A 126 -6.65 -1.28 7.26
C GLY A 126 -6.91 -0.09 6.36
N HIS A 127 -5.84 0.46 5.78
CA HIS A 127 -5.94 1.76 5.10
C HIS A 127 -4.71 2.00 4.25
N ILE A 128 -4.79 2.94 3.31
CA ILE A 128 -3.62 3.61 2.83
C ILE A 128 -3.59 4.95 3.55
N GLY A 129 -2.46 5.64 3.49
CA GLY A 129 -2.34 6.91 4.18
C GLY A 129 -1.55 7.89 3.32
N ILE A 130 -2.03 9.14 3.31
CA ILE A 130 -1.44 10.29 2.61
C ILE A 130 -0.91 11.27 3.66
N ALA A 131 0.36 11.62 3.49
CA ALA A 131 0.95 12.71 4.24
C ALA A 131 0.74 14.04 3.56
N VAL A 132 0.21 15.02 4.32
CA VAL A 132 -0.17 16.33 3.80
C VAL A 132 0.42 17.44 4.71
N PRO A 133 0.59 18.66 4.17
CA PRO A 133 1.14 19.78 4.98
C PRO A 133 0.19 20.29 6.06
N ASP A 134 -1.11 20.05 5.85
CA ASP A 134 -2.15 20.64 6.70
C ASP A 134 -3.41 19.77 6.65
N VAL A 135 -3.60 18.97 7.70
CA VAL A 135 -4.74 18.06 7.74
C VAL A 135 -6.07 18.81 7.69
N TYR A 136 -6.16 19.90 8.48
CA TYR A 136 -7.43 20.60 8.62
C TYR A 136 -7.82 21.30 7.33
N SER A 137 -6.90 21.98 6.67
CA SER A 137 -7.27 22.59 5.41
C SER A 137 -7.57 21.52 4.34
N ALA A 138 -6.83 20.40 4.33
CA ALA A 138 -7.11 19.35 3.35
C ALA A 138 -8.57 18.85 3.52
N CYS A 139 -8.94 18.69 4.77
CA CYS A 139 -10.22 18.12 5.11
C CYS A 139 -11.34 19.12 4.89
N LYS A 140 -11.11 20.41 5.13
CA LYS A 140 -12.12 21.40 4.75
C LYS A 140 -12.45 21.32 3.26
N ARG A 141 -11.45 21.23 2.43
CA ARG A 141 -11.61 21.04 1.00
C ARG A 141 -12.35 19.72 0.73
N PHE A 142 -11.95 18.63 1.37
CA PHE A 142 -12.67 17.38 1.18
C PHE A 142 -14.15 17.52 1.46
N GLU A 143 -14.48 18.22 2.55
CA GLU A 143 -15.85 18.42 2.96
C GLU A 143 -16.62 19.21 1.92
N GLU A 144 -15.98 20.22 1.38
CA GLU A 144 -16.57 21.01 0.30
C GLU A 144 -16.86 20.18 -0.94
N LEU A 145 -16.01 19.13 -1.22
CA LEU A 145 -16.18 18.28 -2.38
C LEU A 145 -17.09 17.06 -2.13
N GLY A 146 -17.63 16.91 -0.88
CA GLY A 146 -18.65 15.94 -0.54
C GLY A 146 -18.03 14.58 -0.25
N VAL A 147 -16.77 14.60 0.18
CA VAL A 147 -16.09 13.36 0.52
C VAL A 147 -16.71 12.78 1.80
N LYS A 148 -16.78 11.46 1.86
CA LYS A 148 -17.34 10.78 3.05
C LYS A 148 -16.19 10.54 4.04
N PHE A 149 -16.43 10.85 5.31
CA PHE A 149 -15.42 10.72 6.33
C PHE A 149 -15.70 9.55 7.23
N VAL A 150 -14.64 8.85 7.62
CA VAL A 150 -14.69 7.92 8.74
C VAL A 150 -14.40 8.68 10.04
N LYS A 151 -13.41 9.55 10.01
CA LYS A 151 -13.04 10.38 11.17
C LYS A 151 -12.58 11.76 10.75
N LYS A 152 -13.30 12.82 11.15
CA LYS A 152 -12.84 14.16 10.92
C LYS A 152 -11.68 14.45 11.88
N PRO A 153 -10.83 15.43 11.57
CA PRO A 153 -9.63 15.60 12.38
C PRO A 153 -9.84 15.95 13.84
N ASP A 154 -10.96 16.62 14.16
CA ASP A 154 -11.19 16.88 15.59
C ASP A 154 -12.01 15.81 16.29
N ASP A 155 -12.48 14.79 15.55
CA ASP A 155 -13.30 13.74 16.16
C ASP A 155 -12.47 12.74 16.94
N GLY A 156 -12.99 12.27 18.10
CA GLY A 156 -12.30 11.17 18.73
C GLY A 156 -11.06 11.69 19.46
N LYS A 157 -10.24 10.75 19.81
CA LYS A 157 -9.14 10.97 20.74
C LYS A 157 -7.94 11.56 20.00
N MET A 158 -7.64 11.00 18.81
CA MET A 158 -6.45 11.42 18.06
C MET A 158 -6.77 12.60 17.18
N LYS A 159 -6.81 13.74 17.85
CA LYS A 159 -7.12 15.01 17.24
C LYS A 159 -5.97 15.31 16.29
N GLY A 160 -6.32 15.85 15.11
CA GLY A 160 -5.35 16.30 14.12
C GLY A 160 -5.03 15.20 13.07
N LEU A 161 -5.68 14.03 13.18
CA LEU A 161 -5.55 12.95 12.21
C LEU A 161 -6.94 12.64 11.67
N ALA A 162 -7.06 12.38 10.36
CA ALA A 162 -8.35 12.14 9.75
C ALA A 162 -8.32 10.82 8.97
N PHE A 163 -9.51 10.28 8.70
CA PHE A 163 -9.72 9.16 7.79
C PHE A 163 -10.92 9.48 6.91
N ILE A 164 -10.66 9.43 5.59
CA ILE A 164 -11.70 9.59 4.57
C ILE A 164 -11.92 8.21 3.94
N GLN A 165 -12.97 8.12 3.10
CA GLN A 165 -13.30 6.92 2.34
C GLN A 165 -13.31 7.26 0.87
N ASP A 166 -12.83 6.29 0.08
CA ASP A 166 -12.89 6.36 -1.34
C ASP A 166 -14.23 5.80 -1.77
N PRO A 167 -14.50 5.81 -3.09
CA PRO A 167 -15.82 5.38 -3.59
C PRO A 167 -16.18 3.94 -3.29
N ASP A 168 -15.20 3.07 -3.02
CA ASP A 168 -15.41 1.70 -2.60
C ASP A 168 -15.58 1.51 -1.09
N GLY A 169 -15.33 2.57 -0.33
CA GLY A 169 -15.30 2.50 1.11
C GLY A 169 -13.96 2.16 1.73
N TYR A 170 -12.90 2.17 0.95
CA TYR A 170 -11.57 1.97 1.53
C TYR A 170 -11.21 3.22 2.35
N TRP A 171 -10.57 2.99 3.50
CA TRP A 171 -10.12 4.04 4.39
C TRP A 171 -8.78 4.62 3.94
N ILE A 172 -8.70 5.94 4.01
CA ILE A 172 -7.51 6.70 3.67
C ILE A 172 -7.20 7.64 4.81
N GLU A 173 -6.06 7.37 5.47
CA GLU A 173 -5.57 8.22 6.53
C GLU A 173 -5.00 9.49 5.94
N ILE A 174 -5.26 10.62 6.60
CA ILE A 174 -4.74 11.89 6.22
C ILE A 174 -3.93 12.38 7.44
N LEU A 175 -2.62 12.55 7.28
CA LEU A 175 -1.78 12.81 8.44
C LEU A 175 -0.71 13.85 8.04
N ASN A 176 -0.29 14.59 9.07
CA ASN A 176 0.75 15.60 8.91
C ASN A 176 1.93 15.08 9.73
N PRO A 177 3.02 14.63 9.06
CA PRO A 177 4.13 13.97 9.73
C PRO A 177 4.71 14.86 10.82
N ASN A 178 4.74 16.19 10.61
CA ASN A 178 5.34 17.07 11.61
C ASN A 178 4.47 17.22 12.85
N LYS A 179 3.15 16.97 12.80
CA LYS A 179 2.27 17.17 13.96
C LYS A 179 2.13 15.88 14.75
N MET A 180 2.57 14.78 14.16
CA MET A 180 2.41 13.45 14.73
C MET A 180 3.34 13.21 15.91
N ALA A 181 4.60 13.67 15.83
CA ALA A 181 5.49 13.66 16.99
C ALA A 181 4.81 14.31 18.19
N THR A 182 4.55 15.63 18.08
CA THR A 182 4.18 16.44 19.23
C THR A 182 2.89 15.92 19.88
N LEU A 183 2.00 15.32 19.10
CA LEU A 183 0.77 14.74 19.63
C LEU A 183 1.06 13.36 20.26
N GLY B 9 -16.99 -3.83 -21.60
CA GLY B 9 -15.59 -4.15 -21.93
C GLY B 9 -14.61 -3.21 -21.23
N GLY B 10 -14.99 -2.68 -20.08
CA GLY B 10 -14.04 -1.82 -19.40
C GLY B 10 -13.95 -0.45 -20.09
N LEU B 11 -13.15 0.44 -19.55
CA LEU B 11 -12.99 1.76 -20.11
C LEU B 11 -11.91 1.68 -21.17
N THR B 12 -12.05 2.45 -22.22
CA THR B 12 -10.92 2.65 -23.13
C THR B 12 -9.88 3.54 -22.44
N ASP B 13 -8.66 3.54 -22.98
CA ASP B 13 -7.65 4.48 -22.50
C ASP B 13 -8.16 5.92 -22.51
N GLU B 14 -8.75 6.35 -23.63
CA GLU B 14 -9.17 7.72 -23.72
C GLU B 14 -10.30 8.04 -22.74
N ALA B 15 -11.27 7.16 -22.67
CA ALA B 15 -12.34 7.33 -21.68
C ALA B 15 -11.81 7.39 -20.25
N ALA B 16 -10.85 6.53 -19.92
CA ALA B 16 -10.30 6.59 -18.59
C ALA B 16 -9.61 7.95 -18.31
N LEU B 17 -8.81 8.41 -19.27
CA LEU B 17 -8.11 9.68 -19.14
C LEU B 17 -9.07 10.86 -18.99
N SER B 18 -10.28 10.79 -19.63
CA SER B 18 -11.31 11.79 -19.52
C SER B 18 -11.88 11.93 -18.11
N CYS B 19 -11.69 10.88 -17.32
CA CYS B 19 -12.18 10.85 -15.97
C CYS B 19 -11.15 11.38 -14.98
N CYS B 20 -9.96 11.70 -15.46
CA CYS B 20 -8.85 12.16 -14.62
C CYS B 20 -8.79 13.68 -14.70
N SER B 21 -8.73 14.33 -13.56
CA SER B 21 -8.54 15.75 -13.43
C SER B 21 -7.09 16.08 -13.10
N ASP B 22 -6.64 17.24 -13.57
CA ASP B 22 -5.35 17.75 -13.11
C ASP B 22 -5.34 17.93 -11.59
N ALA B 23 -4.15 17.79 -10.99
CA ALA B 23 -4.00 17.93 -9.55
C ALA B 23 -4.24 19.39 -9.11
N ASP B 24 -5.19 19.62 -8.21
CA ASP B 24 -5.37 20.92 -7.60
C ASP B 24 -4.12 21.37 -6.84
N PRO B 25 -3.68 22.65 -6.91
CA PRO B 25 -2.40 23.06 -6.29
C PRO B 25 -2.32 22.77 -4.80
N SER B 26 -3.48 22.66 -4.12
CA SER B 26 -3.50 22.37 -2.69
C SER B 26 -2.98 20.97 -2.38
N THR B 27 -2.89 20.06 -3.38
CA THR B 27 -2.47 18.69 -3.17
C THR B 27 -1.01 18.47 -3.60
N LYS B 28 -0.34 19.55 -4.02
CA LYS B 28 0.92 19.34 -4.73
C LYS B 28 2.04 18.80 -3.83
N ASP B 29 1.95 18.90 -2.50
CA ASP B 29 2.94 18.31 -1.60
C ASP B 29 2.48 16.95 -1.00
N PHE B 30 1.34 16.42 -1.47
CA PHE B 30 0.84 15.16 -0.91
C PHE B 30 1.75 14.01 -1.31
N LEU B 31 1.88 13.01 -0.45
CA LEU B 31 2.56 11.78 -0.82
C LEU B 31 1.83 10.56 -0.29
N LEU B 32 2.01 9.43 -1.00
CA LEU B 32 1.43 8.14 -0.57
C LEU B 32 2.39 7.46 0.37
N GLN B 33 2.09 7.63 1.64
CA GLN B 33 3.05 7.48 2.73
C GLN B 33 3.03 6.06 3.28
N GLN B 34 1.84 5.40 3.40
CA GLN B 34 1.76 4.10 4.07
C GLN B 34 0.62 3.25 3.54
N THR B 35 0.78 1.93 3.73
CA THR B 35 -0.20 0.88 3.55
C THR B 35 -0.20 0.11 4.87
N MET B 36 -1.38 0.03 5.51
CA MET B 36 -1.51 -0.60 6.82
C MET B 36 -2.09 -1.99 6.72
N LEU B 37 -1.43 -2.98 7.37
CA LEU B 37 -1.89 -4.34 7.44
C LEU B 37 -1.85 -4.78 8.91
N ARG B 38 -2.86 -5.48 9.37
CA ARG B 38 -2.84 -6.04 10.72
C ARG B 38 -2.08 -7.39 10.70
N VAL B 39 -1.24 -7.60 11.71
CA VAL B 39 -0.41 -8.78 11.81
C VAL B 39 -0.63 -9.52 13.15
N LYS B 40 -0.74 -10.84 13.03
CA LYS B 40 -1.03 -11.69 14.18
C LYS B 40 0.16 -11.75 15.12
N ASP B 41 1.38 -11.85 14.54
CA ASP B 41 2.57 -12.05 15.36
C ASP B 41 3.69 -11.18 14.83
N PRO B 42 3.98 -10.03 15.43
CA PRO B 42 4.94 -9.13 14.86
C PRO B 42 6.34 -9.74 14.78
N LYS B 43 6.64 -10.72 15.67
CA LYS B 43 8.00 -11.25 15.63
C LYS B 43 8.28 -11.92 14.29
N LYS B 44 7.27 -12.64 13.79
CA LYS B 44 7.35 -13.39 12.57
C LYS B 44 7.27 -12.41 11.40
N SER B 45 6.38 -11.39 11.51
CA SER B 45 6.32 -10.39 10.47
C SER B 45 7.61 -9.59 10.32
N LEU B 46 8.21 -9.17 11.43
CA LEU B 46 9.46 -8.45 11.34
C LEU B 46 10.56 -9.28 10.69
N ASP B 47 10.69 -10.54 11.08
CA ASP B 47 11.68 -11.44 10.47
C ASP B 47 11.48 -11.55 8.95
N PHE B 48 10.25 -11.78 8.53
CA PHE B 48 9.95 -11.85 7.11
C PHE B 48 10.31 -10.57 6.35
N TYR B 49 9.75 -9.44 6.78
CA TYR B 49 9.92 -8.22 5.99
C TYR B 49 11.38 -7.78 5.98
N THR B 50 12.16 -8.08 7.06
CA THR B 50 13.52 -7.57 7.10
C THR B 50 14.45 -8.61 6.47
N ARG B 51 14.37 -9.88 6.90
CA ARG B 51 15.34 -10.90 6.46
C ARG B 51 15.01 -11.40 5.05
N VAL B 52 13.73 -11.66 4.80
CA VAL B 52 13.33 -12.19 3.49
C VAL B 52 13.35 -11.05 2.47
N LEU B 53 12.68 -9.92 2.78
CA LEU B 53 12.46 -8.89 1.80
C LEU B 53 13.43 -7.70 1.90
N GLY B 54 14.29 -7.62 2.93
CA GLY B 54 15.27 -6.55 2.98
C GLY B 54 14.72 -5.17 3.35
N MET B 55 13.53 -5.07 3.94
CA MET B 55 13.07 -3.83 4.47
C MET B 55 13.80 -3.52 5.77
N THR B 56 13.68 -2.25 6.17
CA THR B 56 14.20 -1.76 7.44
C THR B 56 13.06 -1.30 8.34
N LEU B 57 13.09 -1.74 9.61
CA LEU B 57 12.22 -1.14 10.63
C LEU B 57 12.71 0.28 10.92
N ILE B 58 11.87 1.28 10.62
CA ILE B 58 12.23 2.70 10.83
C ILE B 58 11.56 3.38 12.02
N GLN B 59 10.46 2.78 12.49
CA GLN B 59 9.76 3.35 13.64
C GLN B 59 8.87 2.30 14.27
N LYS B 60 8.70 2.40 15.61
CA LYS B 60 7.83 1.54 16.38
C LYS B 60 7.11 2.48 17.38
N CYS B 61 5.79 2.39 17.42
CA CYS B 61 4.97 3.12 18.39
C CYS B 61 4.05 2.18 19.17
N ASP B 62 3.91 2.38 20.51
CA ASP B 62 3.15 1.50 21.39
C ASP B 62 2.05 2.33 22.06
N PHE B 63 0.85 1.78 22.08
CA PHE B 63 -0.33 2.49 22.64
C PHE B 63 -0.89 1.62 23.73
N PRO B 64 -0.38 1.71 24.98
CA PRO B 64 -0.81 0.72 25.98
C PRO B 64 -2.28 0.82 26.37
N ILE B 65 -2.94 1.97 26.22
CA ILE B 65 -4.37 1.98 26.55
C ILE B 65 -5.21 1.24 25.52
N MET B 66 -4.82 1.39 24.24
CA MET B 66 -5.54 0.75 23.16
C MET B 66 -5.03 -0.66 22.88
N LYS B 67 -3.92 -1.04 23.51
CA LYS B 67 -3.35 -2.38 23.43
C LYS B 67 -3.00 -2.72 21.98
N PHE B 68 -2.29 -1.80 21.33
CA PHE B 68 -1.69 -2.13 20.03
C PHE B 68 -0.35 -1.42 19.87
N SER B 69 0.45 -1.95 18.92
CA SER B 69 1.69 -1.35 18.50
C SER B 69 1.67 -1.15 16.98
N LEU B 70 2.44 -0.16 16.49
CA LEU B 70 2.61 0.06 15.05
C LEU B 70 4.08 -0.12 14.72
N TYR B 71 4.34 -0.79 13.62
CA TYR B 71 5.69 -0.96 13.09
C TYR B 71 5.74 -0.41 11.68
N PHE B 72 6.68 0.49 11.43
CA PHE B 72 6.81 1.09 10.11
C PHE B 72 8.08 0.55 9.47
N LEU B 73 7.89 -0.16 8.34
CA LEU B 73 8.90 -0.82 7.51
C LEU B 73 9.08 0.00 6.22
N ALA B 74 10.34 0.12 5.77
CA ALA B 74 10.53 0.80 4.49
C ALA B 74 11.84 0.36 3.85
N TYR B 75 12.00 0.63 2.54
CA TYR B 75 13.30 0.46 1.91
C TYR B 75 14.08 1.76 2.07
N GLU B 76 14.76 1.84 3.21
CA GLU B 76 15.56 2.97 3.58
C GLU B 76 16.84 2.46 4.25
N ASP B 77 17.88 3.28 4.13
CA ASP B 77 19.16 2.98 4.80
C ASP B 77 19.02 3.24 6.28
N LYS B 78 19.28 2.22 7.08
CA LYS B 78 19.18 2.33 8.52
C LYS B 78 20.02 3.49 9.05
N ASN B 79 21.06 3.90 8.31
CA ASN B 79 21.98 4.94 8.76
C ASN B 79 21.44 6.34 8.53
N ASP B 80 20.31 6.44 7.83
CA ASP B 80 19.60 7.67 7.65
C ASP B 80 18.55 7.90 8.73
N ILE B 81 18.29 6.93 9.60
CA ILE B 81 17.23 7.09 10.57
C ILE B 81 17.73 8.06 11.62
N PRO B 82 17.01 9.16 11.89
CA PRO B 82 17.42 10.14 12.90
C PRO B 82 17.57 9.48 14.27
N LYS B 83 18.59 9.93 15.04
CA LYS B 83 18.77 9.44 16.39
C LYS B 83 17.76 10.03 17.37
N GLU B 84 17.40 11.30 17.20
CA GLU B 84 16.51 11.94 18.16
C GLU B 84 15.06 11.58 17.81
N LYS B 85 14.27 11.32 18.84
CA LYS B 85 13.00 10.68 18.72
C LYS B 85 12.00 11.50 17.92
N ASP B 86 11.94 12.81 18.14
CA ASP B 86 10.89 13.58 17.50
C ASP B 86 11.21 13.67 16.03
N GLU B 87 12.50 13.90 15.70
CA GLU B 87 13.01 13.94 14.34
C GLU B 87 12.74 12.57 13.67
N LYS B 88 12.93 11.50 14.43
CA LYS B 88 12.75 10.14 13.93
C LYS B 88 11.27 9.86 13.56
N ILE B 89 10.28 10.29 14.39
CA ILE B 89 8.87 10.09 14.07
C ILE B 89 8.51 10.90 12.83
N ALA B 90 8.99 12.16 12.80
CA ALA B 90 8.65 13.01 11.68
C ALA B 90 9.31 12.56 10.38
N TRP B 91 10.55 12.02 10.45
CA TRP B 91 11.16 11.48 9.26
C TRP B 91 10.47 10.20 8.76
N ALA B 92 10.22 9.25 9.68
CA ALA B 92 9.58 7.98 9.32
C ALA B 92 8.19 8.24 8.69
N LEU B 93 7.42 9.15 9.27
CA LEU B 93 6.07 9.42 8.74
C LEU B 93 6.04 10.33 7.52
N SER B 94 7.21 10.84 7.03
CA SER B 94 7.31 11.60 5.81
C SER B 94 8.01 10.77 4.73
N ARG B 95 8.37 9.50 5.00
CA ARG B 95 8.92 8.67 3.96
C ARG B 95 7.81 8.16 3.04
N LYS B 96 8.05 8.17 1.72
CA LYS B 96 7.12 7.50 0.78
C LYS B 96 7.17 5.99 0.99
N ALA B 97 6.08 5.26 0.67
CA ALA B 97 6.15 3.84 0.37
C ALA B 97 6.55 3.04 1.63
N THR B 98 5.96 3.39 2.77
CA THR B 98 6.11 2.59 3.97
C THR B 98 4.98 1.57 4.13
N LEU B 99 5.30 0.51 4.89
CA LEU B 99 4.38 -0.51 5.30
C LEU B 99 4.22 -0.34 6.80
N GLU B 100 2.97 -0.17 7.21
CA GLU B 100 2.60 -0.03 8.61
C GLU B 100 1.93 -1.32 9.07
N LEU B 101 2.59 -2.01 9.99
CA LEU B 101 2.06 -3.22 10.54
C LEU B 101 1.48 -2.94 11.91
N THR B 102 0.22 -3.34 12.11
CA THR B 102 -0.50 -3.07 13.35
C THR B 102 -0.70 -4.41 14.09
N HIS B 103 -0.20 -4.48 15.34
CA HIS B 103 -0.26 -5.62 16.22
C HIS B 103 -1.25 -5.37 17.36
N ASN B 104 -2.39 -6.06 17.34
CA ASN B 104 -3.33 -5.97 18.46
C ASN B 104 -2.87 -6.97 19.52
N TRP B 105 -2.48 -6.46 20.68
CA TRP B 105 -1.79 -7.33 21.61
C TRP B 105 -2.64 -8.55 21.93
N GLY B 106 -2.00 -9.73 21.96
CA GLY B 106 -2.63 -10.96 22.36
C GLY B 106 -2.98 -11.88 21.20
N THR B 107 -3.07 -11.39 19.95
CA THR B 107 -3.38 -12.28 18.85
C THR B 107 -2.38 -13.43 18.70
N GLU B 108 -1.11 -13.18 19.02
CA GLU B 108 -0.07 -14.19 18.79
C GLU B 108 -0.31 -15.44 19.65
N ASP B 109 -1.11 -15.28 20.73
CA ASP B 109 -1.40 -16.40 21.63
C ASP B 109 -2.77 -17.03 21.37
N ASP B 110 -3.52 -16.56 20.38
CA ASP B 110 -4.89 -17.03 20.19
C ASP B 110 -4.95 -17.95 18.97
N GLU B 111 -4.95 -19.26 19.22
CA GLU B 111 -4.94 -20.31 18.19
C GLU B 111 -6.12 -20.23 17.22
N THR B 112 -7.24 -19.59 17.60
CA THR B 112 -8.43 -19.48 16.75
C THR B 112 -8.36 -18.22 15.88
N GLN B 113 -7.32 -17.39 16.00
CA GLN B 113 -7.44 -16.04 15.42
C GLN B 113 -6.60 -15.99 14.13
N SER B 114 -7.12 -15.37 13.04
CA SER B 114 -6.25 -15.03 11.90
C SER B 114 -6.85 -13.84 11.16
N TYR B 115 -6.00 -13.12 10.39
CA TYR B 115 -6.49 -12.00 9.62
C TYR B 115 -6.81 -12.48 8.22
N HIS B 116 -7.58 -11.70 7.49
CA HIS B 116 -8.04 -12.08 6.18
C HIS B 116 -7.26 -11.22 5.15
N ASN B 117 -6.85 -11.90 4.06
CA ASN B 117 -5.92 -11.32 3.12
C ASN B 117 -6.58 -10.52 2.02
N GLY B 118 -7.90 -10.53 1.93
CA GLY B 118 -8.64 -9.79 0.90
C GLY B 118 -8.83 -10.53 -0.45
N ASN B 119 -8.20 -11.67 -0.68
CA ASN B 119 -8.29 -12.34 -1.96
C ASN B 119 -9.37 -13.44 -2.02
N SER B 120 -10.02 -13.74 -0.90
CA SER B 120 -11.24 -14.54 -0.92
C SER B 120 -12.35 -13.75 -0.26
N ASP B 121 -13.61 -14.23 -0.28
CA ASP B 121 -14.71 -13.53 0.32
C ASP B 121 -14.32 -13.29 1.76
N PRO B 122 -14.48 -12.06 2.25
CA PRO B 122 -14.82 -10.90 1.40
C PRO B 122 -13.61 -10.26 0.71
N ARG B 123 -13.75 -10.01 -0.62
CA ARG B 123 -12.61 -9.52 -1.38
C ARG B 123 -12.51 -8.01 -1.30
N GLY B 124 -11.28 -7.42 -1.33
CA GLY B 124 -11.09 -6.01 -1.45
C GLY B 124 -9.60 -5.75 -1.76
N PHE B 125 -8.84 -5.47 -0.69
CA PHE B 125 -7.38 -5.41 -0.85
C PHE B 125 -6.87 -6.68 -1.53
N GLY B 126 -5.87 -6.52 -2.41
CA GLY B 126 -5.29 -7.63 -3.13
C GLY B 126 -3.89 -7.98 -2.63
N HIS B 127 -2.97 -6.98 -2.70
CA HIS B 127 -1.56 -7.31 -2.47
C HIS B 127 -0.74 -6.05 -2.36
N ILE B 128 0.45 -6.12 -1.70
CA ILE B 128 1.50 -5.18 -1.97
C ILE B 128 2.38 -5.79 -3.05
N GLY B 129 3.15 -4.95 -3.72
CA GLY B 129 4.08 -5.49 -4.73
C GLY B 129 5.44 -4.85 -4.63
N ILE B 130 6.48 -5.72 -4.79
CA ILE B 130 7.89 -5.36 -4.71
C ILE B 130 8.46 -5.46 -6.11
N ALA B 131 8.99 -4.37 -6.62
CA ALA B 131 9.79 -4.35 -7.85
C ALA B 131 11.20 -4.85 -7.52
N VAL B 132 11.63 -5.91 -8.27
CA VAL B 132 12.93 -6.53 -8.07
C VAL B 132 13.67 -6.47 -9.41
N PRO B 133 15.01 -6.60 -9.41
CA PRO B 133 15.76 -6.61 -10.67
C PRO B 133 15.60 -7.88 -11.48
N ASP B 134 15.23 -8.99 -10.82
CA ASP B 134 15.13 -10.28 -11.46
C ASP B 134 14.21 -11.19 -10.70
N VAL B 135 13.01 -11.41 -11.23
CA VAL B 135 12.03 -12.20 -10.50
C VAL B 135 12.49 -13.64 -10.26
N TYR B 136 13.16 -14.24 -11.24
CA TYR B 136 13.65 -15.61 -11.10
C TYR B 136 14.72 -15.75 -10.03
N SER B 137 15.70 -14.84 -9.98
CA SER B 137 16.72 -14.93 -8.95
C SER B 137 16.16 -14.61 -7.58
N ALA B 138 15.23 -13.67 -7.53
CA ALA B 138 14.54 -13.42 -6.25
C ALA B 138 13.81 -14.68 -5.75
N CYS B 139 13.03 -15.32 -6.61
CA CYS B 139 12.19 -16.45 -6.24
C CYS B 139 13.04 -17.69 -5.88
N LYS B 140 14.24 -17.82 -6.48
CA LYS B 140 15.10 -18.95 -6.15
C LYS B 140 15.55 -18.80 -4.71
N ARG B 141 15.97 -17.59 -4.34
CA ARG B 141 16.32 -17.30 -2.97
C ARG B 141 15.12 -17.54 -2.03
N PHE B 142 13.91 -17.01 -2.38
CA PHE B 142 12.75 -17.25 -1.52
C PHE B 142 12.45 -18.73 -1.29
N GLU B 143 12.65 -19.53 -2.33
CA GLU B 143 12.50 -20.98 -2.25
C GLU B 143 13.50 -21.57 -1.28
N GLU B 144 14.78 -21.15 -1.39
CA GLU B 144 15.80 -21.58 -0.46
C GLU B 144 15.50 -21.24 1.00
N LEU B 145 14.78 -20.14 1.23
CA LEU B 145 14.41 -19.70 2.57
C LEU B 145 13.11 -20.29 3.08
N GLY B 146 12.39 -21.06 2.26
CA GLY B 146 11.15 -21.72 2.69
C GLY B 146 9.92 -20.82 2.64
N VAL B 147 10.01 -19.77 1.82
CA VAL B 147 8.88 -18.87 1.65
C VAL B 147 7.70 -19.60 0.98
N LYS B 148 6.49 -19.27 1.47
CA LYS B 148 5.25 -19.75 0.88
C LYS B 148 4.91 -19.00 -0.41
N PHE B 149 4.62 -19.76 -1.47
CA PHE B 149 4.19 -19.17 -2.75
C PHE B 149 2.70 -19.36 -2.95
N VAL B 150 2.07 -18.32 -3.50
CA VAL B 150 0.76 -18.41 -4.15
C VAL B 150 0.99 -18.73 -5.62
N LYS B 151 1.97 -18.10 -6.29
CA LYS B 151 2.18 -18.40 -7.69
C LYS B 151 3.66 -18.29 -7.98
N LYS B 152 4.26 -19.40 -8.43
CA LYS B 152 5.63 -19.34 -8.92
C LYS B 152 5.75 -18.61 -10.25
N PRO B 153 6.94 -18.07 -10.62
CA PRO B 153 7.09 -17.27 -11.80
C PRO B 153 6.60 -17.89 -13.10
N ASP B 154 6.85 -19.20 -13.26
CA ASP B 154 6.41 -19.94 -14.45
C ASP B 154 4.98 -20.52 -14.32
N ASP B 155 4.47 -20.75 -13.11
CA ASP B 155 3.08 -21.19 -12.95
C ASP B 155 2.09 -20.21 -13.56
N GLY B 156 1.04 -20.76 -14.18
CA GLY B 156 -0.11 -19.98 -14.61
C GLY B 156 0.09 -19.28 -15.94
N LYS B 157 -0.70 -18.23 -16.14
CA LYS B 157 -0.78 -17.52 -17.41
C LYS B 157 0.20 -16.36 -17.49
N MET B 158 0.54 -15.79 -16.32
CA MET B 158 1.39 -14.61 -16.27
C MET B 158 2.81 -15.04 -15.90
N LYS B 159 3.54 -15.59 -16.89
CA LYS B 159 4.92 -16.03 -16.74
C LYS B 159 5.83 -14.84 -16.45
N GLY B 160 6.72 -15.03 -15.49
CA GLY B 160 7.72 -14.04 -15.12
C GLY B 160 7.23 -13.10 -14.01
N LEU B 161 6.05 -13.38 -13.44
CA LEU B 161 5.51 -12.60 -12.32
C LEU B 161 5.22 -13.59 -11.21
N ALA B 162 5.53 -13.25 -9.95
CA ALA B 162 5.26 -14.18 -8.90
C ALA B 162 4.46 -13.55 -7.76
N PHE B 163 3.81 -14.41 -6.97
CA PHE B 163 3.16 -14.04 -5.73
C PHE B 163 3.62 -14.94 -4.60
N ILE B 164 4.13 -14.34 -3.53
CA ILE B 164 4.40 -15.02 -2.29
C ILE B 164 3.46 -14.50 -1.22
N GLN B 165 3.54 -15.15 -0.08
CA GLN B 165 2.74 -14.75 1.09
C GLN B 165 3.59 -14.52 2.34
N ASP B 166 3.15 -13.56 3.16
CA ASP B 166 3.83 -13.21 4.39
C ASP B 166 3.24 -14.12 5.48
N PRO B 167 3.74 -13.97 6.72
CA PRO B 167 3.36 -14.86 7.81
C PRO B 167 1.85 -14.84 8.07
N ASP B 168 1.14 -13.77 7.72
CA ASP B 168 -0.30 -13.70 7.92
C ASP B 168 -1.10 -14.24 6.74
N GLY B 169 -0.47 -14.51 5.59
CA GLY B 169 -1.18 -14.92 4.40
C GLY B 169 -1.37 -13.76 3.40
N TYR B 170 -0.91 -12.55 3.70
CA TYR B 170 -1.08 -11.44 2.76
C TYR B 170 -0.24 -11.75 1.52
N TRP B 171 -0.80 -11.46 0.34
CA TRP B 171 -0.09 -11.71 -0.89
C TRP B 171 0.85 -10.55 -1.23
N ILE B 172 2.03 -10.94 -1.69
CA ILE B 172 3.03 -9.95 -2.15
C ILE B 172 3.44 -10.29 -3.56
N GLU B 173 3.16 -9.40 -4.50
CA GLU B 173 3.58 -9.58 -5.87
C GLU B 173 5.07 -9.28 -6.00
N ILE B 174 5.78 -10.07 -6.80
CA ILE B 174 7.20 -9.93 -7.10
C ILE B 174 7.28 -9.71 -8.61
N LEU B 175 7.63 -8.48 -8.98
CA LEU B 175 7.52 -8.06 -10.37
C LEU B 175 8.83 -7.44 -10.84
N ASN B 176 9.14 -7.63 -12.14
CA ASN B 176 10.31 -7.03 -12.77
C ASN B 176 9.87 -5.97 -13.74
N PRO B 177 10.06 -4.67 -13.44
CA PRO B 177 9.56 -3.59 -14.32
C PRO B 177 10.16 -3.67 -15.71
N ASN B 178 11.42 -4.07 -15.78
CA ASN B 178 12.17 -4.05 -17.03
C ASN B 178 11.84 -5.18 -18.00
N LYS B 179 11.04 -6.15 -17.54
CA LYS B 179 10.67 -7.30 -18.33
C LYS B 179 9.21 -7.24 -18.69
N MET B 180 8.41 -6.41 -18.01
CA MET B 180 6.97 -6.42 -18.22
C MET B 180 6.61 -5.90 -19.62
N ALA B 181 7.44 -5.01 -20.19
CA ALA B 181 7.24 -4.63 -21.58
C ALA B 181 7.56 -5.85 -22.46
N THR B 182 8.85 -6.27 -22.50
CA THR B 182 9.29 -7.34 -23.40
C THR B 182 8.80 -8.68 -22.85
N LEU B 183 7.48 -8.85 -22.66
CA LEU B 183 6.89 -10.00 -21.97
C LEU B 183 5.38 -10.08 -22.27
#